data_1MCL
#
_entry.id   1MCL
#
_cell.length_a   72.300
_cell.length_b   72.300
_cell.length_c   185.900
_cell.angle_alpha   90.00
_cell.angle_beta   90.00
_cell.angle_gamma   120.00
#
_symmetry.space_group_name_H-M   'P 31 2 1'
#
loop_
_entity.id
_entity.type
_entity.pdbx_description
1 polymer 'IMMUNOGLOBULIN LAMBDA DIMER MCG (LIGHT CHAIN)'
2 polymer N-ACETYL-D-HIS-L-PRO-OH
#
loop_
_entity_poly.entity_id
_entity_poly.type
_entity_poly.pdbx_seq_one_letter_code
_entity_poly.pdbx_strand_id
1 'polypeptide(L)'
;PSALTQPPSASGSLGQSVTISCTGTSSDVGGYNYVSWYQQHAGKAPKVIIYEVNKRPSGVPDRFSGSKSGNTASLTVSGL
QAEDEADYYCSSYEGSDNFVFGTGTKVTVLGQPKANPTVTLFPPSSEELQANKATLVCLISDFYPGAVTVAWKADGSPVK
AGVETTKPSKQSNNKYAASSYLSLTPEQWKSHRSYSCQVTHEGSTVEKTVAPTECS
;
A,B
2 'polypeptide(L)' (ACE)(DHI)P P
#
# COMPACT_ATOMS: atom_id res chain seq x y z
N PRO A 1 -6.42 25.96 18.88
CA PRO A 1 -5.73 25.38 17.73
C PRO A 1 -4.25 25.65 17.65
N SER A 2 -3.67 24.79 16.83
CA SER A 2 -2.27 24.47 16.57
C SER A 2 -2.31 22.91 16.64
N ALA A 3 -1.18 22.27 16.69
CA ALA A 3 -1.17 20.79 16.83
C ALA A 3 -0.08 20.38 17.81
N LEU A 4 -0.11 19.12 18.23
CA LEU A 4 0.58 18.74 19.48
C LEU A 4 1.72 17.76 19.37
N THR A 5 2.75 18.01 20.18
CA THR A 5 3.96 17.27 20.39
C THR A 5 3.88 15.74 20.36
N GLN A 6 4.89 15.18 19.70
CA GLN A 6 5.24 13.76 19.70
C GLN A 6 6.74 13.70 19.37
N PRO A 7 7.36 12.61 19.76
CA PRO A 7 8.74 12.32 19.35
C PRO A 7 8.84 11.69 17.97
N PRO A 8 9.82 12.19 17.21
CA PRO A 8 10.24 11.60 15.94
C PRO A 8 10.61 10.15 15.99
N SER A 9 10.98 9.61 17.14
CA SER A 9 11.32 8.19 17.28
C SER A 9 10.67 7.52 18.49
N ALA A 10 10.86 6.22 18.52
CA ALA A 10 10.36 5.28 19.53
C ALA A 10 10.80 3.87 19.09
N SER A 11 11.37 3.14 20.03
CA SER A 11 12.09 1.89 19.71
C SER A 11 11.62 0.72 20.55
N GLY A 12 12.54 -0.18 20.88
CA GLY A 12 12.25 -1.40 21.64
C GLY A 12 12.87 -2.61 20.93
N SER A 13 12.50 -3.78 21.41
CA SER A 13 12.96 -5.08 20.86
C SER A 13 12.01 -6.17 21.34
N LEU A 14 12.15 -7.36 20.80
CA LEU A 14 11.21 -8.46 21.08
C LEU A 14 11.13 -8.66 22.61
N GLY A 15 10.23 -7.87 23.18
CA GLY A 15 10.00 -7.77 24.63
C GLY A 15 10.01 -6.27 24.96
N GLN A 16 11.20 -5.74 24.93
CA GLN A 16 11.71 -4.46 25.29
C GLN A 16 10.82 -3.26 25.31
N SER A 17 9.64 -3.29 24.72
CA SER A 17 8.63 -2.25 24.81
C SER A 17 9.07 -0.89 24.28
N VAL A 18 8.09 -0.02 24.30
CA VAL A 18 8.17 1.39 23.95
C VAL A 18 6.89 2.12 24.40
N THR A 19 7.12 3.37 24.76
CA THR A 19 6.10 4.30 25.23
C THR A 19 6.31 5.62 24.48
N ILE A 20 5.22 6.19 24.03
CA ILE A 20 5.28 7.40 23.17
C ILE A 20 4.74 8.65 23.84
N SER A 21 5.12 9.80 23.26
CA SER A 21 4.64 11.12 23.65
C SER A 21 3.44 11.56 22.80
N CYS A 22 2.62 12.33 23.47
CA CYS A 22 1.52 13.12 22.85
C CYS A 22 1.30 14.24 23.89
N THR A 23 2.00 15.33 23.61
CA THR A 23 2.10 16.47 24.55
C THR A 23 1.40 17.67 23.93
N GLY A 24 0.34 18.07 24.62
CA GLY A 24 -0.55 19.15 24.21
C GLY A 24 -0.74 20.13 25.37
N THR A 25 -1.89 20.77 25.43
CA THR A 25 -2.18 21.74 26.50
C THR A 25 -3.54 21.50 27.14
N SER A 26 -3.86 22.29 28.15
CA SER A 26 -5.12 22.09 28.92
C SER A 26 -6.32 22.49 28.06
N SER A 27 -6.03 23.09 26.92
CA SER A 27 -7.06 23.40 25.92
C SER A 27 -7.45 22.15 25.13
N ASP A 28 -6.58 21.14 25.17
CA ASP A 28 -6.72 19.93 24.34
C ASP A 28 -5.76 18.85 24.85
N VAL A 29 -6.31 17.68 25.11
CA VAL A 29 -5.67 16.58 25.83
C VAL A 29 -5.74 16.84 27.35
N GLY A 30 -5.19 17.96 27.79
CA GLY A 30 -5.16 18.30 29.22
C GLY A 30 -6.55 18.69 29.74
N GLY A 31 -7.52 18.64 28.84
CA GLY A 31 -8.87 19.16 29.08
C GLY A 31 -9.87 18.02 29.09
N TYR A 32 -10.33 17.67 27.92
CA TYR A 32 -11.28 16.57 27.71
C TYR A 32 -10.51 15.24 27.68
N ASN A 33 -11.24 14.13 27.62
CA ASN A 33 -10.60 12.82 27.67
C ASN A 33 -10.93 11.92 26.48
N TYR A 34 -10.30 12.28 25.37
CA TYR A 34 -10.44 11.63 24.08
C TYR A 34 -9.07 11.50 23.41
N VAL A 35 -8.27 10.60 23.96
CA VAL A 35 -6.90 10.44 23.42
C VAL A 35 -6.99 9.27 22.44
N SER A 36 -6.68 9.64 21.19
CA SER A 36 -6.85 8.55 20.17
C SER A 36 -5.59 8.40 19.38
N TRP A 37 -5.29 7.13 19.05
CA TRP A 37 -4.05 6.78 18.35
C TRP A 37 -4.31 5.98 17.06
N TYR A 38 -3.70 6.51 16.02
CA TYR A 38 -3.84 5.99 14.65
C TYR A 38 -2.57 5.29 14.19
N GLN A 39 -2.72 4.01 13.80
CA GLN A 39 -1.52 3.26 13.43
C GLN A 39 -1.33 3.26 11.91
N GLN A 40 -0.71 4.33 11.46
CA GLN A 40 -0.35 4.57 10.07
C GLN A 40 0.79 3.70 9.58
N HIS A 41 0.47 2.52 9.06
CA HIS A 41 1.49 1.68 8.39
C HIS A 41 1.87 2.34 7.04
N ALA A 42 3.16 2.51 6.87
CA ALA A 42 3.85 3.10 5.75
C ALA A 42 3.10 3.17 4.43
N GLY A 43 2.26 4.19 4.31
CA GLY A 43 1.39 4.41 3.16
C GLY A 43 0.14 3.56 3.25
N LYS A 44 -0.68 3.88 4.26
CA LYS A 44 -1.91 3.13 4.52
C LYS A 44 -3.00 4.01 5.11
N ALA A 45 -4.19 3.44 5.17
CA ALA A 45 -5.31 3.96 5.98
C ALA A 45 -5.14 3.61 7.45
N PRO A 46 -5.35 4.59 8.35
CA PRO A 46 -5.05 4.56 9.74
C PRO A 46 -5.27 3.50 10.75
N LYS A 47 -6.29 2.68 10.79
CA LYS A 47 -6.50 1.68 11.88
C LYS A 47 -6.22 2.29 13.26
N VAL A 48 -7.28 2.88 13.79
CA VAL A 48 -7.26 3.42 15.16
C VAL A 48 -7.10 2.21 16.07
N ILE A 49 -6.23 2.35 17.06
CA ILE A 49 -6.09 1.26 18.06
C ILE A 49 -6.60 1.63 19.42
N ILE A 50 -6.89 2.90 19.65
CA ILE A 50 -7.37 3.41 20.94
C ILE A 50 -8.02 4.78 20.88
N TYR A 51 -9.15 4.89 21.54
CA TYR A 51 -9.92 6.12 21.73
C TYR A 51 -10.27 6.21 23.22
N GLU A 52 -10.73 7.38 23.61
CA GLU A 52 -11.14 7.64 25.01
C GLU A 52 -10.04 7.12 25.93
N VAL A 53 -8.84 7.61 25.66
CA VAL A 53 -7.58 7.33 26.27
C VAL A 53 -7.16 5.88 26.42
N ASN A 54 -8.08 4.95 26.66
CA ASN A 54 -7.68 3.67 27.23
C ASN A 54 -8.32 2.42 26.72
N LYS A 55 -9.55 2.50 26.21
CA LYS A 55 -10.29 1.28 25.84
C LYS A 55 -10.14 0.99 24.35
N ARG A 56 -9.40 -0.09 24.09
CA ARG A 56 -9.06 -0.51 22.73
C ARG A 56 -10.31 -0.86 21.92
N PRO A 57 -10.29 -0.29 20.72
CA PRO A 57 -11.11 -0.68 19.59
C PRO A 57 -11.33 -2.15 19.32
N SER A 58 -12.42 -2.40 18.58
CA SER A 58 -12.94 -3.73 18.26
C SER A 58 -11.93 -4.54 17.44
N GLY A 59 -11.07 -5.24 18.14
CA GLY A 59 -9.96 -5.98 17.49
C GLY A 59 -8.80 -4.96 17.35
N VAL A 60 -7.97 -5.02 18.33
CA VAL A 60 -6.69 -4.37 18.51
C VAL A 60 -6.01 -5.28 19.58
N PRO A 61 -4.75 -5.53 19.39
CA PRO A 61 -4.01 -6.41 20.30
C PRO A 61 -4.02 -5.89 21.73
N ASP A 62 -4.40 -6.78 22.63
CA ASP A 62 -4.48 -6.60 24.08
C ASP A 62 -3.14 -6.11 24.64
N ARG A 63 -2.53 -5.23 23.89
CA ARG A 63 -1.07 -4.99 23.97
C ARG A 63 -0.79 -3.48 23.97
N PHE A 64 -1.67 -2.86 23.19
CA PHE A 64 -1.59 -1.37 23.08
C PHE A 64 -2.22 -0.83 24.34
N SER A 65 -1.59 0.23 24.87
CA SER A 65 -2.01 0.81 26.14
C SER A 65 -2.07 2.34 26.09
N GLY A 66 -3.29 2.80 26.34
CA GLY A 66 -3.49 4.26 26.60
C GLY A 66 -2.98 4.51 28.03
N SER A 67 -2.02 5.41 28.08
CA SER A 67 -1.30 5.76 29.32
C SER A 67 -1.12 7.27 29.41
N LYS A 68 -1.93 7.95 30.21
CA LYS A 68 -1.91 9.43 30.26
C LYS A 68 -2.06 10.01 31.65
N SER A 69 -1.55 11.24 31.78
CA SER A 69 -1.65 12.06 33.00
C SER A 69 -1.65 13.53 32.58
N GLY A 70 -2.77 14.18 32.84
CA GLY A 70 -2.99 15.59 32.53
C GLY A 70 -2.72 15.88 31.05
N ASN A 71 -1.72 16.71 30.83
CA ASN A 71 -1.31 17.17 29.51
C ASN A 71 -0.41 16.20 28.74
N THR A 72 0.06 15.13 29.37
CA THR A 72 0.80 14.14 28.58
C THR A 72 -0.01 12.84 28.43
N ALA A 73 0.04 12.39 27.18
CA ALA A 73 -0.54 11.10 26.76
C ALA A 73 0.57 10.24 26.16
N SER A 74 0.59 9.01 26.58
CA SER A 74 1.53 7.99 26.18
C SER A 74 0.76 6.77 25.64
N LEU A 75 1.25 6.28 24.51
CA LEU A 75 0.89 4.90 24.09
C LEU A 75 1.98 4.03 24.76
N THR A 76 1.59 2.82 25.11
CA THR A 76 2.60 1.80 25.44
C THR A 76 2.35 0.53 24.64
N VAL A 77 3.48 0.03 24.20
CA VAL A 77 3.60 -1.17 23.39
C VAL A 77 4.69 -1.99 24.13
N SER A 78 4.15 -2.93 24.89
CA SER A 78 4.96 -3.97 25.54
C SER A 78 5.14 -5.09 24.51
N GLY A 79 6.05 -6.00 24.78
CA GLY A 79 6.14 -7.28 24.05
C GLY A 79 6.17 -7.11 22.54
N LEU A 80 7.09 -6.28 22.10
CA LEU A 80 7.19 -5.80 20.72
C LEU A 80 6.98 -6.91 19.69
N GLN A 81 5.73 -6.95 19.27
CA GLN A 81 5.23 -7.78 18.17
C GLN A 81 5.90 -7.47 16.84
N ALA A 82 6.93 -6.65 16.80
CA ALA A 82 7.71 -6.38 15.57
C ALA A 82 6.87 -5.97 14.39
N GLU A 83 5.70 -6.57 14.26
CA GLU A 83 4.75 -6.35 13.15
C GLU A 83 4.06 -5.01 13.54
N ASP A 84 4.79 -4.48 14.55
CA ASP A 84 4.36 -3.11 15.01
C ASP A 84 5.02 -1.99 14.23
N GLU A 85 6.08 -2.26 13.47
CA GLU A 85 6.82 -1.11 12.84
C GLU A 85 5.86 -0.26 12.05
N ALA A 86 5.71 1.01 12.44
CA ALA A 86 4.70 1.91 11.83
C ALA A 86 4.74 3.34 12.31
N ASP A 87 3.95 4.17 11.64
CA ASP A 87 3.76 5.60 12.01
C ASP A 87 2.58 5.64 12.98
N TYR A 88 2.75 6.30 14.12
CA TYR A 88 1.80 6.36 15.22
C TYR A 88 1.42 7.81 15.57
N TYR A 89 0.14 8.11 15.38
CA TYR A 89 -0.35 9.51 15.59
C TYR A 89 -1.40 9.61 16.68
N CYS A 90 -1.56 10.81 17.25
CA CYS A 90 -2.57 11.07 18.29
C CYS A 90 -3.57 12.14 17.84
N SER A 91 -4.72 12.19 18.53
CA SER A 91 -5.70 13.24 18.31
C SER A 91 -6.57 13.54 19.53
N SER A 92 -6.52 14.82 19.85
CA SER A 92 -7.18 15.49 20.98
C SER A 92 -8.40 16.29 20.51
N TYR A 93 -9.46 16.18 21.29
CA TYR A 93 -10.63 17.08 21.14
C TYR A 93 -10.20 18.46 21.69
N GLU A 94 -10.79 19.49 21.12
CA GLU A 94 -10.59 20.86 21.63
C GLU A 94 -11.83 21.71 21.46
N GLY A 95 -12.94 21.16 21.94
CA GLY A 95 -14.26 21.75 21.88
C GLY A 95 -14.77 21.92 20.45
N SER A 96 -15.81 22.71 20.36
CA SER A 96 -16.43 23.19 19.13
C SER A 96 -16.26 22.29 17.91
N ASP A 97 -16.49 21.00 18.09
CA ASP A 97 -16.46 19.98 17.05
C ASP A 97 -15.10 19.92 16.34
N ASN A 98 -14.06 19.73 17.15
CA ASN A 98 -12.69 19.83 16.65
C ASN A 98 -11.73 18.91 17.39
N PHE A 99 -10.74 18.50 16.61
CA PHE A 99 -9.69 17.57 16.98
C PHE A 99 -8.39 18.10 16.34
N VAL A 100 -7.29 17.77 17.00
CA VAL A 100 -5.96 18.11 16.44
C VAL A 100 -4.95 17.02 16.84
N PHE A 101 -3.89 16.97 16.04
CA PHE A 101 -3.05 15.77 15.95
C PHE A 101 -1.63 15.93 16.47
N GLY A 102 -1.21 14.78 17.03
CA GLY A 102 0.16 14.53 17.45
C GLY A 102 0.99 14.28 16.19
N THR A 103 2.09 14.99 16.13
CA THR A 103 3.06 15.03 15.07
C THR A 103 3.40 13.75 14.35
N GLY A 104 3.38 12.64 15.06
CA GLY A 104 3.74 11.33 14.51
C GLY A 104 5.01 10.80 15.17
N THR A 105 4.95 9.52 15.45
CA THR A 105 6.13 8.80 15.99
C THR A 105 6.30 7.55 15.14
N LYS A 106 7.52 7.29 14.74
CA LYS A 106 7.86 6.16 13.85
C LYS A 106 8.50 5.03 14.67
N VAL A 107 7.74 3.95 14.90
CA VAL A 107 8.25 2.85 15.73
C VAL A 107 9.23 2.03 14.86
N THR A 108 10.36 1.78 15.50
CA THR A 108 11.34 0.85 14.83
C THR A 108 11.70 -0.22 15.84
N VAL A 109 11.31 -1.43 15.46
CA VAL A 109 11.60 -2.64 16.22
C VAL A 109 13.05 -3.05 15.90
N LEU A 110 13.72 -3.45 16.95
CA LEU A 110 15.09 -3.97 16.84
C LEU A 110 15.05 -5.47 17.17
N GLY A 111 16.09 -6.14 16.72
CA GLY A 111 16.25 -7.59 16.89
C GLY A 111 15.44 -8.35 15.84
N GLN A 112 15.10 -7.65 14.77
CA GLN A 112 14.40 -8.27 13.63
C GLN A 112 15.45 -9.10 12.88
N PRO A 113 15.13 -10.38 12.72
CA PRO A 113 16.05 -11.32 12.07
C PRO A 113 16.08 -11.17 10.55
N LYS A 114 17.32 -11.35 10.08
CA LYS A 114 17.72 -11.11 8.71
C LYS A 114 17.63 -12.33 7.82
N ALA A 115 17.22 -12.04 6.59
CA ALA A 115 17.03 -13.03 5.55
C ALA A 115 17.39 -12.45 4.18
N ASN A 116 17.74 -13.41 3.32
CA ASN A 116 18.15 -13.18 1.94
C ASN A 116 16.92 -13.42 1.05
N PRO A 117 16.90 -12.64 -0.04
CA PRO A 117 15.76 -12.61 -0.94
C PRO A 117 15.59 -13.94 -1.66
N THR A 118 14.33 -14.37 -1.74
CA THR A 118 13.98 -15.49 -2.64
C THR A 118 13.94 -14.85 -4.04
N VAL A 119 14.74 -15.41 -4.93
CA VAL A 119 14.82 -14.92 -6.31
C VAL A 119 14.01 -15.83 -7.23
N THR A 120 13.27 -15.13 -8.10
CA THR A 120 12.45 -15.82 -9.10
C THR A 120 12.48 -14.97 -10.37
N LEU A 121 13.07 -15.56 -11.40
CA LEU A 121 13.03 -15.00 -12.76
C LEU A 121 11.78 -15.63 -13.38
N PHE A 122 11.08 -14.79 -14.07
CA PHE A 122 9.84 -15.17 -14.77
C PHE A 122 10.09 -15.05 -16.28
N PRO A 123 9.93 -16.19 -16.95
CA PRO A 123 10.11 -16.28 -18.40
C PRO A 123 9.00 -15.65 -19.23
N PRO A 124 9.40 -14.90 -20.26
CA PRO A 124 8.58 -14.17 -21.18
C PRO A 124 7.22 -14.50 -21.64
N SER A 125 6.66 -15.67 -21.54
CA SER A 125 5.26 -15.96 -21.90
C SER A 125 4.87 -16.12 -23.35
N SER A 126 3.98 -17.10 -23.60
CA SER A 126 3.23 -17.34 -24.82
C SER A 126 2.34 -16.20 -25.30
N GLU A 127 1.23 -15.95 -24.64
CA GLU A 127 0.32 -14.82 -24.89
C GLU A 127 1.06 -13.50 -25.11
N GLU A 128 2.06 -13.33 -24.27
CA GLU A 128 2.92 -12.15 -24.32
C GLU A 128 3.54 -12.07 -25.72
N LEU A 129 4.25 -13.18 -25.99
CA LEU A 129 5.12 -13.21 -27.20
C LEU A 129 4.27 -13.21 -28.46
N GLN A 130 2.99 -13.54 -28.29
CA GLN A 130 2.07 -13.59 -29.45
C GLN A 130 1.72 -12.14 -29.81
N ALA A 131 1.78 -11.32 -28.74
CA ALA A 131 1.66 -9.84 -28.99
C ALA A 131 2.99 -9.28 -29.48
N ASN A 132 4.02 -10.09 -29.35
CA ASN A 132 5.36 -9.91 -29.86
C ASN A 132 6.16 -8.86 -29.07
N LYS A 133 6.07 -9.06 -27.79
CA LYS A 133 6.81 -8.31 -26.76
C LYS A 133 7.54 -9.39 -25.97
N ALA A 134 8.58 -9.00 -25.26
CA ALA A 134 9.32 -9.97 -24.42
C ALA A 134 9.71 -9.22 -23.15
N THR A 135 9.03 -9.59 -22.08
CA THR A 135 9.22 -8.96 -20.79
C THR A 135 9.65 -10.06 -19.80
N LEU A 136 10.78 -9.74 -19.20
CA LEU A 136 11.38 -10.61 -18.19
C LEU A 136 11.28 -9.76 -16.89
N VAL A 137 11.10 -10.50 -15.85
CA VAL A 137 10.76 -9.93 -14.54
C VAL A 137 11.47 -10.82 -13.51
N CYS A 138 11.96 -10.14 -12.51
CA CYS A 138 12.61 -10.81 -11.37
C CYS A 138 11.76 -10.38 -10.17
N LEU A 139 11.16 -11.38 -9.54
CA LEU A 139 10.56 -11.20 -8.22
C LEU A 139 11.68 -11.49 -7.18
N ILE A 140 11.97 -10.42 -6.48
CA ILE A 140 12.94 -10.38 -5.39
C ILE A 140 12.08 -10.23 -4.11
N SER A 141 11.87 -11.35 -3.45
CA SER A 141 10.91 -11.36 -2.33
C SER A 141 11.59 -11.78 -1.03
N ASP A 142 10.81 -11.60 0.04
CA ASP A 142 11.09 -12.13 1.36
C ASP A 142 12.50 -11.98 1.86
N PHE A 143 12.97 -10.75 1.90
CA PHE A 143 14.28 -10.40 2.48
C PHE A 143 14.15 -9.33 3.57
N TYR A 144 14.84 -9.57 4.69
CA TYR A 144 14.98 -8.47 5.69
C TYR A 144 16.47 -8.25 5.93
N PRO A 145 16.94 -7.03 5.80
CA PRO A 145 16.20 -5.79 5.61
C PRO A 145 16.16 -5.32 4.17
N GLY A 146 15.31 -4.36 3.87
CA GLY A 146 14.99 -3.83 2.59
C GLY A 146 16.02 -3.20 1.72
N ALA A 147 17.30 -3.39 1.96
CA ALA A 147 18.34 -3.12 0.93
C ALA A 147 18.55 -4.38 0.08
N VAL A 148 18.56 -4.18 -1.22
CA VAL A 148 18.85 -5.24 -2.21
C VAL A 148 19.20 -4.56 -3.53
N THR A 149 20.28 -5.02 -4.20
CA THR A 149 20.53 -4.45 -5.56
C THR A 149 20.64 -5.49 -6.64
N VAL A 150 19.83 -5.25 -7.67
CA VAL A 150 19.53 -6.08 -8.81
C VAL A 150 20.36 -5.73 -10.05
N ALA A 151 20.64 -6.76 -10.82
CA ALA A 151 21.57 -6.71 -11.96
C ALA A 151 21.27 -7.79 -12.99
N TRP A 152 21.06 -7.39 -14.23
CA TRP A 152 20.75 -8.29 -15.33
C TRP A 152 22.01 -8.60 -16.17
N LYS A 153 22.01 -9.85 -16.63
CA LYS A 153 23.03 -10.36 -17.55
C LYS A 153 22.33 -10.73 -18.87
N ALA A 154 22.96 -10.32 -19.94
CA ALA A 154 22.63 -10.84 -21.30
C ALA A 154 23.82 -11.77 -21.64
N ASP A 155 23.56 -13.01 -21.26
CA ASP A 155 24.58 -14.08 -21.35
C ASP A 155 25.60 -13.75 -20.23
N GLY A 156 26.69 -13.15 -20.66
CA GLY A 156 27.79 -12.79 -19.76
C GLY A 156 27.83 -11.27 -19.56
N SER A 157 27.55 -10.57 -20.68
CA SER A 157 27.65 -9.10 -20.63
C SER A 157 26.60 -8.54 -19.65
N PRO A 158 27.08 -7.63 -18.83
CA PRO A 158 26.24 -6.96 -17.81
C PRO A 158 25.33 -6.03 -18.62
N VAL A 159 24.04 -6.32 -18.56
CA VAL A 159 23.11 -5.57 -19.42
C VAL A 159 22.19 -4.70 -18.57
N LYS A 160 22.23 -3.46 -18.99
CA LYS A 160 21.32 -2.38 -18.55
C LYS A 160 20.70 -1.91 -19.88
N ALA A 161 19.41 -1.79 -19.85
CA ALA A 161 18.63 -1.25 -20.98
C ALA A 161 17.29 -0.88 -20.30
N GLY A 162 16.21 -1.33 -20.88
CA GLY A 162 14.91 -1.28 -20.13
C GLY A 162 15.03 -2.33 -19.02
N VAL A 163 15.55 -1.89 -17.88
CA VAL A 163 15.72 -2.77 -16.71
C VAL A 163 15.11 -2.22 -15.43
N GLU A 164 13.91 -1.68 -15.51
CA GLU A 164 13.21 -1.01 -14.40
C GLU A 164 12.98 -1.78 -13.13
N THR A 165 13.53 -1.26 -12.02
CA THR A 165 13.55 -1.89 -10.70
C THR A 165 12.96 -1.05 -9.57
N THR A 166 11.94 -1.59 -8.94
CA THR A 166 11.16 -0.90 -7.91
C THR A 166 11.74 -1.02 -6.50
N LYS A 167 11.33 -0.05 -5.69
CA LYS A 167 11.74 0.08 -4.29
C LYS A 167 10.92 -0.84 -3.39
N PRO A 168 11.59 -1.36 -2.37
CA PRO A 168 11.12 -2.56 -1.67
C PRO A 168 9.98 -2.34 -0.72
N SER A 169 8.76 -2.65 -1.17
CA SER A 169 7.57 -2.65 -0.32
C SER A 169 7.75 -3.55 0.91
N LYS A 170 6.95 -3.20 1.89
CA LYS A 170 6.90 -3.82 3.22
C LYS A 170 5.88 -4.96 3.14
N GLN A 171 6.31 -6.15 3.54
CA GLN A 171 5.68 -7.38 3.05
C GLN A 171 4.86 -8.18 4.04
N SER A 172 3.75 -7.57 4.42
CA SER A 172 2.70 -8.28 5.19
C SER A 172 3.39 -8.92 6.40
N ASN A 173 4.38 -8.19 6.83
CA ASN A 173 5.26 -8.41 7.98
C ASN A 173 6.55 -7.68 7.57
N ASN A 174 7.55 -7.68 8.42
CA ASN A 174 8.72 -6.80 8.15
C ASN A 174 9.77 -7.65 7.42
N LYS A 175 9.26 -8.18 6.33
CA LYS A 175 10.05 -8.84 5.27
C LYS A 175 9.82 -7.90 4.07
N TYR A 176 10.77 -7.81 3.18
CA TYR A 176 10.63 -6.87 2.06
C TYR A 176 10.45 -7.57 0.72
N ALA A 177 10.26 -6.70 -0.28
CA ALA A 177 9.97 -7.19 -1.64
C ALA A 177 10.07 -6.08 -2.67
N ALA A 178 10.83 -6.38 -3.71
CA ALA A 178 11.06 -5.47 -4.85
C ALA A 178 10.89 -6.26 -6.15
N SER A 179 10.71 -5.54 -7.24
CA SER A 179 10.57 -6.15 -8.57
C SER A 179 11.57 -5.53 -9.55
N SER A 180 11.95 -6.36 -10.50
CA SER A 180 12.88 -5.93 -11.57
C SER A 180 12.29 -6.34 -12.92
N TYR A 181 12.55 -5.52 -13.95
CA TYR A 181 12.12 -5.96 -15.30
C TYR A 181 12.85 -5.40 -16.49
N LEU A 182 13.27 -6.40 -17.28
CA LEU A 182 13.88 -6.27 -18.59
C LEU A 182 12.80 -6.25 -19.68
N SER A 183 12.95 -5.20 -20.47
CA SER A 183 12.14 -4.93 -21.64
C SER A 183 12.98 -5.45 -22.82
N LEU A 184 12.35 -6.29 -23.58
CA LEU A 184 12.94 -6.98 -24.72
C LEU A 184 11.87 -7.15 -25.81
N THR A 185 12.38 -7.56 -26.95
CA THR A 185 11.60 -8.06 -28.09
C THR A 185 11.87 -9.56 -28.20
N PRO A 186 10.87 -10.30 -28.64
CA PRO A 186 10.98 -11.73 -28.97
C PRO A 186 12.27 -12.11 -29.65
N GLU A 187 12.75 -11.15 -30.40
CA GLU A 187 13.98 -11.26 -31.21
C GLU A 187 15.18 -11.17 -30.30
N GLN A 188 15.32 -10.06 -29.59
CA GLN A 188 16.35 -9.88 -28.56
C GLN A 188 16.37 -11.12 -27.64
N TRP A 189 15.18 -11.59 -27.35
CA TRP A 189 14.92 -12.78 -26.55
C TRP A 189 15.79 -13.93 -27.11
N LYS A 190 15.30 -14.48 -28.21
CA LYS A 190 15.83 -15.78 -28.68
C LYS A 190 17.19 -15.73 -29.31
N SER A 191 17.81 -14.57 -29.31
CA SER A 191 19.18 -14.39 -29.81
C SER A 191 20.18 -14.62 -28.69
N HIS A 192 19.70 -15.07 -27.54
CA HIS A 192 20.52 -15.14 -26.33
C HIS A 192 20.40 -16.42 -25.56
N ARG A 193 21.55 -17.00 -25.22
CA ARG A 193 21.66 -18.21 -24.43
C ARG A 193 20.73 -18.20 -23.22
N SER A 194 21.01 -17.24 -22.36
CA SER A 194 20.28 -17.04 -21.11
C SER A 194 20.01 -15.55 -20.93
N TYR A 195 19.53 -15.28 -19.73
CA TYR A 195 19.39 -13.94 -19.15
C TYR A 195 19.44 -14.17 -17.63
N SER A 196 20.09 -13.27 -16.90
CA SER A 196 20.14 -13.46 -15.42
C SER A 196 19.78 -12.21 -14.63
N CYS A 197 19.33 -12.46 -13.40
CA CYS A 197 18.89 -11.41 -12.45
C CYS A 197 19.63 -11.69 -11.12
N GLN A 198 20.83 -11.19 -11.13
CA GLN A 198 21.77 -11.19 -10.01
C GLN A 198 21.27 -10.14 -8.99
N VAL A 199 21.05 -10.64 -7.79
CA VAL A 199 20.46 -9.89 -6.68
C VAL A 199 21.42 -10.05 -5.51
N THR A 200 21.96 -8.92 -5.08
CA THR A 200 22.89 -8.95 -3.94
C THR A 200 22.31 -8.22 -2.73
N HIS A 201 22.46 -8.94 -1.61
CA HIS A 201 21.86 -8.53 -0.34
C HIS A 201 22.67 -9.01 0.86
N GLU A 202 23.22 -8.01 1.55
CA GLU A 202 23.91 -8.19 2.82
C GLU A 202 25.02 -9.21 2.67
N GLY A 203 25.75 -9.03 1.57
CA GLY A 203 26.96 -9.83 1.29
C GLY A 203 26.60 -11.00 0.39
N SER A 204 25.48 -11.63 0.74
CA SER A 204 25.05 -12.81 -0.04
C SER A 204 24.43 -12.36 -1.35
N THR A 205 25.00 -12.96 -2.41
CA THR A 205 24.56 -12.78 -3.78
C THR A 205 23.90 -14.10 -4.24
N VAL A 206 22.73 -13.88 -4.81
CA VAL A 206 21.87 -14.92 -5.35
C VAL A 206 21.67 -14.47 -6.82
N GLU A 207 21.55 -15.44 -7.69
CA GLU A 207 21.38 -15.07 -9.13
C GLU A 207 20.69 -16.18 -9.89
N LYS A 208 19.52 -15.75 -10.44
CA LYS A 208 18.79 -16.78 -11.27
C LYS A 208 18.91 -16.49 -12.74
N THR A 209 18.78 -17.57 -13.51
CA THR A 209 18.94 -17.60 -14.95
C THR A 209 17.77 -18.20 -15.69
N VAL A 210 17.48 -17.60 -16.84
CA VAL A 210 16.41 -18.03 -17.75
C VAL A 210 16.94 -18.26 -19.16
N ALA A 211 16.37 -19.30 -19.77
CA ALA A 211 16.65 -19.77 -21.12
C ALA A 211 15.35 -19.86 -21.90
N PRO A 212 15.44 -19.44 -23.15
CA PRO A 212 14.35 -19.59 -24.12
C PRO A 212 13.76 -20.98 -24.20
N THR A 213 14.51 -22.05 -23.96
CA THR A 213 13.87 -23.36 -23.70
C THR A 213 13.03 -23.26 -22.40
N GLU A 214 11.77 -22.98 -22.65
CA GLU A 214 10.64 -22.99 -21.76
C GLU A 214 9.44 -23.08 -22.74
N CYS A 215 8.33 -23.44 -22.20
CA CYS A 215 7.06 -23.54 -22.94
C CYS A 215 6.38 -22.19 -22.93
N SER A 216 7.13 -21.17 -23.35
CA SER A 216 6.56 -19.81 -23.50
C SER A 216 6.60 -19.45 -24.99
N PRO B 1 -18.18 -2.36 9.18
CA PRO B 1 -16.90 -2.84 9.70
C PRO B 1 -15.78 -2.53 8.74
N SER B 2 -14.59 -2.98 9.07
CA SER B 2 -13.35 -2.69 8.39
C SER B 2 -13.44 -1.55 7.37
N ALA B 3 -13.55 -1.91 6.10
CA ALA B 3 -13.26 -0.99 5.00
C ALA B 3 -14.44 -0.33 4.33
N LEU B 4 -14.20 0.96 4.07
CA LEU B 4 -14.97 1.74 3.08
C LEU B 4 -14.16 1.62 1.77
N THR B 5 -14.90 1.38 0.71
CA THR B 5 -14.22 1.23 -0.60
C THR B 5 -14.03 2.61 -1.23
N GLN B 6 -12.76 2.97 -1.35
CA GLN B 6 -12.29 4.28 -1.78
C GLN B 6 -11.24 4.16 -2.88
N PRO B 7 -11.43 4.91 -3.95
CA PRO B 7 -10.56 4.93 -5.13
C PRO B 7 -9.09 4.74 -4.93
N PRO B 8 -8.42 4.49 -6.07
CA PRO B 8 -6.95 4.37 -6.13
C PRO B 8 -6.38 5.80 -6.24
N SER B 9 -6.36 6.27 -7.47
CA SER B 9 -5.83 7.59 -7.79
C SER B 9 -6.98 8.44 -8.34
N ALA B 10 -6.85 9.70 -8.02
CA ALA B 10 -7.73 10.77 -8.49
C ALA B 10 -6.82 11.99 -8.66
N SER B 11 -7.09 12.73 -9.72
CA SER B 11 -6.17 13.81 -10.10
C SER B 11 -6.82 14.72 -11.13
N GLY B 12 -6.35 15.97 -11.00
CA GLY B 12 -6.79 17.01 -11.95
C GLY B 12 -5.61 17.84 -12.44
N SER B 13 -6.01 18.79 -13.25
CA SER B 13 -5.21 19.73 -14.00
C SER B 13 -4.89 21.05 -13.33
N LEU B 14 -5.10 21.17 -12.03
CA LEU B 14 -4.89 22.40 -11.28
C LEU B 14 -5.83 23.51 -11.75
N GLY B 15 -6.96 23.62 -11.08
CA GLY B 15 -8.00 24.60 -11.49
C GLY B 15 -9.28 23.81 -11.78
N GLN B 16 -9.09 22.49 -11.94
CA GLN B 16 -10.22 21.65 -12.30
C GLN B 16 -10.75 20.89 -11.08
N SER B 17 -12.07 20.92 -11.09
CA SER B 17 -12.94 20.27 -10.12
C SER B 17 -12.66 18.76 -10.13
N VAL B 18 -12.37 18.25 -8.95
CA VAL B 18 -12.05 16.81 -8.82
C VAL B 18 -12.79 16.32 -7.57
N THR B 19 -13.56 15.28 -7.76
CA THR B 19 -14.39 14.74 -6.69
C THR B 19 -14.00 13.27 -6.50
N ILE B 20 -13.84 13.02 -5.21
CA ILE B 20 -13.45 11.68 -4.75
C ILE B 20 -14.74 11.19 -4.05
N SER B 21 -14.67 9.93 -3.72
CA SER B 21 -15.78 9.23 -3.14
C SER B 21 -15.22 8.09 -2.27
N CYS B 22 -16.21 7.57 -1.61
CA CYS B 22 -16.09 6.51 -0.58
C CYS B 22 -17.39 5.76 -0.91
N THR B 23 -17.34 4.47 -0.75
CA THR B 23 -18.54 3.63 -0.85
C THR B 23 -18.53 2.73 0.38
N GLY B 24 -19.66 2.11 0.65
CA GLY B 24 -19.85 1.26 1.82
C GLY B 24 -20.96 0.22 1.61
N THR B 25 -21.58 -0.10 2.75
CA THR B 25 -22.42 -1.27 2.91
C THR B 25 -23.64 -1.07 3.79
N SER B 26 -24.18 0.14 3.86
CA SER B 26 -25.46 0.42 4.52
C SER B 26 -25.36 0.38 6.06
N SER B 27 -25.00 -0.82 6.45
CA SER B 27 -24.73 -1.22 7.84
C SER B 27 -23.32 -0.68 8.10
N ASP B 28 -23.23 0.09 9.19
CA ASP B 28 -22.14 1.06 9.39
C ASP B 28 -22.52 2.15 8.35
N VAL B 29 -22.12 1.86 7.14
CA VAL B 29 -22.03 2.82 6.06
C VAL B 29 -23.27 3.08 5.24
N GLY B 30 -24.21 3.83 5.85
CA GLY B 30 -25.47 4.27 5.27
C GLY B 30 -26.08 5.49 5.97
N GLY B 31 -27.41 5.56 5.95
CA GLY B 31 -28.23 6.68 6.44
C GLY B 31 -28.33 6.57 7.98
N TYR B 32 -27.18 6.30 8.42
CA TYR B 32 -26.62 5.97 9.76
C TYR B 32 -25.33 6.84 9.51
N ASN B 33 -25.65 8.13 9.53
CA ASN B 33 -24.88 9.20 8.97
C ASN B 33 -23.90 9.94 9.85
N TYR B 34 -22.64 9.73 9.49
CA TYR B 34 -21.48 10.48 10.01
C TYR B 34 -20.53 10.63 8.83
N VAL B 35 -19.28 10.23 9.01
CA VAL B 35 -18.28 10.13 7.96
C VAL B 35 -17.52 11.46 7.83
N SER B 36 -16.20 11.29 7.93
CA SER B 36 -15.25 12.41 7.97
C SER B 36 -14.24 12.25 6.82
N TRP B 37 -13.75 13.42 6.40
CA TRP B 37 -12.69 13.41 5.36
C TRP B 37 -11.41 13.97 5.98
N TYR B 38 -10.35 13.19 5.79
CA TYR B 38 -9.03 13.58 6.26
C TYR B 38 -8.08 13.75 5.06
N GLN B 39 -7.21 14.69 5.30
CA GLN B 39 -6.09 14.98 4.39
C GLN B 39 -4.86 14.39 5.09
N GLN B 40 -3.84 14.27 4.27
CA GLN B 40 -2.50 13.87 4.71
C GLN B 40 -1.51 14.47 3.69
N HIS B 41 -0.32 14.75 4.17
CA HIS B 41 0.80 15.06 3.25
C HIS B 41 2.00 14.15 3.55
N ALA B 42 3.03 14.34 2.73
CA ALA B 42 4.34 13.73 2.75
C ALA B 42 4.48 12.46 3.56
N GLY B 43 4.43 12.65 4.85
CA GLY B 43 4.63 11.59 5.88
C GLY B 43 4.29 12.46 7.14
N LYS B 44 2.98 12.43 7.35
CA LYS B 44 2.42 13.38 8.36
C LYS B 44 1.11 12.82 8.89
N ALA B 45 0.73 13.38 10.01
CA ALA B 45 -0.53 13.09 10.70
C ALA B 45 -1.69 13.46 9.77
N PRO B 46 -2.75 12.67 9.92
CA PRO B 46 -4.05 13.02 9.32
C PRO B 46 -4.52 14.37 9.83
N LYS B 47 -5.58 14.82 9.19
CA LYS B 47 -6.00 16.25 9.39
C LYS B 47 -7.43 16.34 8.88
N VAL B 48 -8.35 16.46 9.83
CA VAL B 48 -9.77 16.52 9.48
C VAL B 48 -9.91 17.74 8.55
N ILE B 49 -10.40 17.47 7.34
CA ILE B 49 -10.82 18.56 6.46
C ILE B 49 -12.34 18.54 6.29
N ILE B 50 -12.99 17.59 6.95
CA ILE B 50 -14.45 17.51 7.02
C ILE B 50 -14.88 16.48 8.08
N TYR B 51 -16.10 16.65 8.55
CA TYR B 51 -16.79 15.83 9.54
C TYR B 51 -18.30 15.91 9.33
N GLU B 52 -19.02 14.95 9.85
CA GLU B 52 -20.48 14.84 9.73
C GLU B 52 -20.99 14.94 8.30
N VAL B 53 -20.39 14.22 7.37
CA VAL B 53 -20.66 14.33 5.93
C VAL B 53 -20.17 15.63 5.30
N ASN B 54 -20.45 16.78 5.90
CA ASN B 54 -20.29 18.04 5.17
C ASN B 54 -19.84 19.25 5.96
N LYS B 55 -19.64 19.12 7.24
CA LYS B 55 -19.23 20.26 8.09
C LYS B 55 -17.72 20.25 8.23
N ARG B 56 -17.11 21.42 8.18
CA ARG B 56 -15.65 21.56 8.31
C ARG B 56 -15.27 22.12 9.69
N PRO B 57 -14.24 21.50 10.23
CA PRO B 57 -13.40 22.18 11.26
C PRO B 57 -12.88 23.45 10.59
N SER B 58 -12.47 24.42 11.36
CA SER B 58 -12.22 25.78 10.84
C SER B 58 -10.82 25.96 10.33
N GLY B 59 -10.73 26.57 9.15
CA GLY B 59 -9.49 26.67 8.37
C GLY B 59 -9.57 25.78 7.12
N VAL B 60 -10.75 25.71 6.54
CA VAL B 60 -11.05 24.92 5.35
C VAL B 60 -11.83 25.79 4.36
N PRO B 61 -11.22 25.98 3.20
CA PRO B 61 -11.90 26.66 2.09
C PRO B 61 -13.17 25.96 1.66
N ASP B 62 -14.16 26.77 1.32
CA ASP B 62 -15.43 26.36 0.75
C ASP B 62 -15.28 25.26 -0.30
N ARG B 63 -14.22 25.37 -1.08
CA ARG B 63 -13.94 24.48 -2.21
C ARG B 63 -14.04 23.01 -1.77
N PHE B 64 -13.69 22.81 -0.52
CA PHE B 64 -13.69 21.46 0.06
C PHE B 64 -15.15 21.09 0.34
N SER B 65 -15.56 20.09 -0.40
CA SER B 65 -16.99 19.69 -0.46
C SER B 65 -17.12 18.35 0.23
N GLY B 66 -18.32 18.07 0.66
CA GLY B 66 -18.68 16.82 1.35
C GLY B 66 -20.17 16.55 1.05
N SER B 67 -20.41 15.34 0.56
CA SER B 67 -21.79 14.96 0.21
C SER B 67 -21.93 13.46 0.41
N LYS B 68 -23.17 13.00 0.43
CA LYS B 68 -23.52 11.61 0.72
C LYS B 68 -24.91 11.33 0.14
N SER B 69 -24.87 10.35 -0.72
CA SER B 69 -26.04 9.79 -1.41
C SER B 69 -25.91 8.26 -1.16
N GLY B 70 -27.03 7.71 -0.76
CA GLY B 70 -27.14 6.26 -0.59
C GLY B 70 -25.99 5.74 0.27
N ASN B 71 -25.15 4.95 -0.38
CA ASN B 71 -24.03 4.27 0.27
C ASN B 71 -22.72 5.01 0.11
N THR B 72 -22.73 6.08 -0.67
CA THR B 72 -21.47 6.68 -1.17
C THR B 72 -21.25 8.13 -0.84
N ALA B 73 -20.12 8.37 -0.15
CA ALA B 73 -19.71 9.71 0.32
C ALA B 73 -18.75 10.39 -0.64
N SER B 74 -19.06 11.60 -1.04
CA SER B 74 -18.27 12.44 -1.96
C SER B 74 -17.50 13.51 -1.20
N LEU B 75 -16.38 13.92 -1.78
CA LEU B 75 -15.55 15.04 -1.25
C LEU B 75 -14.97 15.73 -2.49
N THR B 76 -15.43 16.96 -2.69
CA THR B 76 -15.00 17.66 -3.93
C THR B 76 -14.07 18.84 -3.67
N VAL B 77 -12.97 18.85 -4.42
CA VAL B 77 -12.10 20.04 -4.48
C VAL B 77 -12.57 20.81 -5.74
N SER B 78 -13.11 21.98 -5.38
CA SER B 78 -13.73 22.87 -6.35
C SER B 78 -12.78 23.91 -6.90
N GLY B 79 -11.50 23.66 -6.78
CA GLY B 79 -10.45 24.50 -7.38
C GLY B 79 -9.10 24.07 -6.85
N LEU B 80 -8.58 23.03 -7.47
CA LEU B 80 -7.32 22.41 -7.11
C LEU B 80 -6.14 23.37 -7.31
N GLN B 81 -5.43 23.55 -6.23
CA GLN B 81 -4.22 24.38 -6.13
C GLN B 81 -3.12 23.34 -5.79
N ALA B 82 -1.89 23.60 -6.14
CA ALA B 82 -0.89 22.50 -6.12
C ALA B 82 -0.86 21.80 -4.77
N GLU B 83 -1.27 22.57 -3.77
CA GLU B 83 -1.25 22.24 -2.35
C GLU B 83 -2.23 21.13 -2.01
N ASP B 84 -3.16 20.92 -2.91
CA ASP B 84 -4.25 19.97 -2.81
C ASP B 84 -3.80 18.57 -3.25
N GLU B 85 -2.63 18.57 -3.88
CA GLU B 85 -2.07 17.20 -4.18
C GLU B 85 -1.62 16.65 -2.83
N ALA B 86 -2.25 15.54 -2.47
CA ALA B 86 -2.05 14.89 -1.16
C ALA B 86 -2.90 13.62 -1.07
N ASP B 87 -2.69 12.87 0.02
CA ASP B 87 -3.49 11.59 0.12
C ASP B 87 -4.74 11.99 0.94
N TYR B 88 -5.84 11.36 0.62
CA TYR B 88 -7.10 11.61 1.33
C TYR B 88 -7.74 10.30 1.82
N TYR B 89 -8.56 10.45 2.86
CA TYR B 89 -9.27 9.36 3.51
C TYR B 89 -10.71 9.72 3.94
N CYS B 90 -11.62 8.79 3.70
CA CYS B 90 -12.96 8.84 4.30
C CYS B 90 -12.91 7.86 5.49
N SER B 91 -13.69 8.20 6.49
CA SER B 91 -13.79 7.32 7.68
C SER B 91 -15.23 7.39 8.19
N SER B 92 -15.68 6.29 8.77
CA SER B 92 -17.00 6.23 9.39
C SER B 92 -16.94 5.57 10.77
N TYR B 93 -17.99 5.83 11.53
CA TYR B 93 -18.13 5.39 12.91
C TYR B 93 -19.29 4.40 13.02
N GLU B 94 -18.94 3.30 13.68
CA GLU B 94 -19.86 2.19 13.93
C GLU B 94 -19.74 1.92 15.44
N GLY B 95 -20.87 1.82 16.08
CA GLY B 95 -21.08 1.68 17.49
C GLY B 95 -20.00 1.05 18.34
N SER B 96 -19.66 1.82 19.37
CA SER B 96 -18.54 1.52 20.29
C SER B 96 -17.26 1.77 19.51
N ASP B 97 -16.23 1.01 19.79
CA ASP B 97 -14.95 1.11 19.12
C ASP B 97 -14.82 0.67 17.68
N ASN B 98 -15.67 1.11 16.78
CA ASN B 98 -15.50 0.76 15.34
C ASN B 98 -15.24 2.01 14.50
N PHE B 99 -13.99 2.46 14.54
CA PHE B 99 -13.55 3.63 13.80
C PHE B 99 -12.88 3.15 12.48
N VAL B 100 -13.79 3.05 11.52
CA VAL B 100 -13.40 2.45 10.23
C VAL B 100 -12.95 3.56 9.29
N PHE B 101 -12.07 3.16 8.40
CA PHE B 101 -11.53 4.04 7.36
C PHE B 101 -11.76 3.37 5.99
N GLY B 102 -11.58 4.25 5.02
CA GLY B 102 -11.72 3.93 3.60
C GLY B 102 -10.32 3.39 3.22
N THR B 103 -10.19 3.16 1.93
CA THR B 103 -8.94 2.54 1.44
C THR B 103 -7.88 3.61 1.26
N GLY B 104 -8.35 4.77 0.86
CA GLY B 104 -7.48 5.91 0.57
C GLY B 104 -7.97 6.54 -0.74
N THR B 105 -7.16 7.42 -1.25
CA THR B 105 -7.35 8.07 -2.55
C THR B 105 -6.17 9.05 -2.64
N LYS B 106 -5.52 9.10 -3.78
CA LYS B 106 -4.40 10.05 -3.92
C LYS B 106 -4.71 11.07 -4.99
N VAL B 107 -4.79 12.35 -4.53
CA VAL B 107 -5.04 13.42 -5.49
C VAL B 107 -3.69 14.03 -5.91
N THR B 108 -3.55 13.95 -7.24
CA THR B 108 -2.33 14.44 -7.91
C THR B 108 -2.63 15.60 -8.83
N VAL B 109 -1.75 16.59 -8.76
CA VAL B 109 -1.78 17.68 -9.77
C VAL B 109 -0.98 17.04 -10.92
N LEU B 110 -1.74 16.77 -11.96
CA LEU B 110 -1.25 16.08 -13.14
C LEU B 110 -0.03 16.77 -13.74
N GLY B 111 1.12 16.23 -13.39
CA GLY B 111 2.41 16.64 -13.99
C GLY B 111 2.41 16.16 -15.45
N GLN B 112 2.75 14.89 -15.61
CA GLN B 112 2.80 14.22 -16.91
C GLN B 112 1.37 14.03 -17.43
N PRO B 113 1.30 13.85 -18.74
CA PRO B 113 0.10 13.23 -19.36
C PRO B 113 -0.15 11.92 -18.63
N LYS B 114 -1.40 11.57 -18.38
CA LYS B 114 -1.69 10.42 -17.53
C LYS B 114 -1.95 9.05 -18.15
N ALA B 115 -0.91 8.23 -18.13
CA ALA B 115 -0.85 6.85 -18.55
C ALA B 115 -1.55 5.80 -17.71
N ASN B 116 -2.09 4.79 -18.40
CA ASN B 116 -2.79 3.62 -17.86
C ASN B 116 -1.88 2.38 -17.96
N PRO B 117 -2.06 1.44 -17.03
CA PRO B 117 -1.04 0.45 -16.73
C PRO B 117 -1.03 -0.86 -17.48
N THR B 118 0.19 -1.19 -17.94
CA THR B 118 0.49 -2.43 -18.65
C THR B 118 0.57 -3.60 -17.67
N VAL B 119 -0.52 -4.35 -17.66
CA VAL B 119 -0.70 -5.52 -16.80
C VAL B 119 -0.14 -6.75 -17.49
N THR B 120 0.73 -7.46 -16.78
CA THR B 120 1.39 -8.66 -17.34
C THR B 120 1.47 -9.79 -16.34
N LEU B 121 0.54 -10.73 -16.47
CA LEU B 121 0.44 -11.90 -15.58
C LEU B 121 1.26 -13.08 -16.12
N PHE B 122 2.10 -13.61 -15.23
CA PHE B 122 3.01 -14.71 -15.55
C PHE B 122 2.66 -15.97 -14.74
N PRO B 123 2.78 -17.10 -15.42
CA PRO B 123 2.57 -18.44 -14.83
C PRO B 123 3.82 -18.87 -14.08
N PRO B 124 3.61 -19.72 -13.08
CA PRO B 124 4.72 -20.30 -12.30
C PRO B 124 5.63 -21.02 -13.29
N SER B 125 6.89 -20.61 -13.29
CA SER B 125 7.91 -21.30 -14.12
C SER B 125 7.81 -22.81 -13.84
N SER B 126 7.85 -23.58 -14.91
CA SER B 126 7.80 -25.03 -14.90
C SER B 126 8.90 -25.63 -14.02
N GLU B 127 10.04 -24.95 -14.01
CA GLU B 127 11.11 -25.22 -13.06
C GLU B 127 10.74 -24.97 -11.60
N GLU B 128 10.14 -23.83 -11.29
CA GLU B 128 9.75 -23.51 -9.91
C GLU B 128 8.69 -24.53 -9.46
N LEU B 129 8.00 -25.04 -10.49
CA LEU B 129 7.10 -26.18 -10.33
C LEU B 129 7.91 -27.44 -10.00
N GLN B 130 9.06 -27.52 -10.66
CA GLN B 130 9.98 -28.66 -10.46
C GLN B 130 10.57 -28.62 -9.05
N ALA B 131 10.51 -27.43 -8.49
CA ALA B 131 10.97 -27.12 -7.14
C ALA B 131 9.80 -27.12 -6.16
N ASN B 132 8.64 -27.44 -6.72
CA ASN B 132 7.44 -27.68 -5.88
C ASN B 132 6.92 -26.39 -5.30
N LYS B 133 7.04 -25.33 -6.10
CA LYS B 133 6.59 -23.98 -5.72
C LYS B 133 5.70 -23.37 -6.79
N ALA B 134 4.88 -22.41 -6.37
CA ALA B 134 4.04 -21.68 -7.34
C ALA B 134 3.89 -20.21 -7.00
N THR B 135 4.27 -19.35 -7.94
CA THR B 135 4.14 -17.89 -7.81
C THR B 135 3.76 -17.24 -9.13
N LEU B 136 2.77 -16.35 -9.06
CA LEU B 136 2.30 -15.60 -10.22
C LEU B 136 2.43 -14.07 -10.01
N VAL B 137 2.91 -13.43 -11.06
CA VAL B 137 3.18 -12.01 -11.11
C VAL B 137 2.19 -11.24 -12.01
N CYS B 138 1.79 -10.10 -11.45
CA CYS B 138 1.05 -9.07 -12.22
C CYS B 138 2.06 -7.91 -12.21
N LEU B 139 2.74 -7.79 -13.33
CA LEU B 139 3.72 -6.65 -13.45
C LEU B 139 2.79 -5.55 -13.95
N ILE B 140 2.61 -4.53 -13.14
CA ILE B 140 1.74 -3.41 -13.59
C ILE B 140 2.66 -2.20 -13.79
N SER B 141 2.55 -1.59 -14.98
CA SER B 141 3.53 -0.50 -15.27
C SER B 141 3.01 0.57 -16.19
N ASP B 142 3.95 1.45 -16.55
CA ASP B 142 3.75 2.51 -17.55
C ASP B 142 2.65 3.49 -17.16
N PHE B 143 2.37 3.66 -15.89
CA PHE B 143 1.30 4.55 -15.46
C PHE B 143 1.78 5.82 -14.74
N TYR B 144 0.81 6.74 -14.76
CA TYR B 144 0.91 8.07 -14.12
C TYR B 144 -0.52 8.64 -14.17
N PRO B 145 -1.15 8.87 -13.05
CA PRO B 145 -0.61 8.84 -11.70
C PRO B 145 -0.39 7.48 -11.09
N GLY B 146 0.67 7.39 -10.27
CA GLY B 146 1.12 6.21 -9.61
C GLY B 146 0.32 5.77 -8.39
N ALA B 147 -0.95 5.49 -8.56
CA ALA B 147 -1.80 4.86 -7.54
C ALA B 147 -2.86 4.00 -8.21
N VAL B 148 -2.76 2.70 -7.96
CA VAL B 148 -3.59 1.69 -8.61
C VAL B 148 -4.13 0.70 -7.57
N THR B 149 -5.28 0.15 -7.91
CA THR B 149 -5.81 -0.99 -7.13
C THR B 149 -5.39 -2.28 -7.85
N VAL B 150 -5.08 -3.28 -7.06
CA VAL B 150 -4.57 -4.56 -7.50
C VAL B 150 -5.48 -5.62 -6.82
N ALA B 151 -5.63 -6.69 -7.56
CA ALA B 151 -6.53 -7.76 -7.11
C ALA B 151 -6.15 -9.02 -7.89
N TRP B 152 -6.60 -10.12 -7.34
CA TRP B 152 -6.35 -11.47 -7.82
C TRP B 152 -7.65 -12.26 -7.59
N LYS B 153 -7.98 -12.95 -8.67
CA LYS B 153 -9.17 -13.82 -8.66
C LYS B 153 -8.75 -15.22 -9.11
N ALA B 154 -9.41 -16.19 -8.56
CA ALA B 154 -9.38 -17.59 -8.93
C ALA B 154 -10.79 -18.02 -9.36
N ASP B 155 -10.90 -18.30 -10.64
CA ASP B 155 -12.12 -18.83 -11.26
C ASP B 155 -13.23 -17.77 -11.16
N GLY B 156 -12.75 -16.54 -11.14
CA GLY B 156 -13.63 -15.35 -10.96
C GLY B 156 -14.18 -15.41 -9.53
N SER B 157 -13.23 -15.43 -8.61
CA SER B 157 -13.56 -15.45 -7.15
C SER B 157 -12.31 -14.89 -6.48
N PRO B 158 -12.50 -14.04 -5.48
CA PRO B 158 -11.40 -13.21 -4.97
C PRO B 158 -10.41 -14.00 -4.13
N VAL B 159 -9.16 -13.93 -4.54
CA VAL B 159 -8.05 -14.57 -3.80
C VAL B 159 -7.79 -13.68 -2.58
N LYS B 160 -8.27 -14.19 -1.46
CA LYS B 160 -8.24 -13.42 -0.21
C LYS B 160 -6.81 -13.40 0.34
N ALA B 161 -6.11 -14.49 0.07
CA ALA B 161 -4.84 -14.79 0.75
C ALA B 161 -3.66 -14.81 -0.18
N GLY B 162 -2.51 -15.08 0.42
CA GLY B 162 -1.23 -15.28 -0.24
C GLY B 162 -0.71 -14.07 -0.97
N VAL B 163 -1.54 -13.03 -1.08
CA VAL B 163 -1.29 -11.92 -1.99
C VAL B 163 -0.40 -10.84 -1.38
N GLU B 164 0.45 -10.35 -2.28
CA GLU B 164 1.36 -9.23 -1.88
C GLU B 164 1.40 -8.24 -3.02
N THR B 165 1.87 -7.03 -2.78
CA THR B 165 1.97 -5.96 -3.75
C THR B 165 3.00 -4.90 -3.35
N THR B 166 3.54 -4.29 -4.38
CA THR B 166 4.56 -3.26 -4.30
C THR B 166 3.95 -1.87 -4.45
N LYS B 167 4.55 -0.93 -3.77
CA LYS B 167 4.24 0.52 -3.83
C LYS B 167 4.93 1.12 -5.05
N PRO B 168 4.22 2.04 -5.72
CA PRO B 168 4.62 2.45 -7.08
C PRO B 168 5.98 3.10 -7.08
N SER B 169 6.84 2.59 -7.96
CA SER B 169 8.22 3.10 -8.04
C SER B 169 8.37 3.92 -9.34
N LYS B 170 9.02 5.05 -9.13
CA LYS B 170 9.39 5.95 -10.24
C LYS B 170 10.35 5.19 -11.16
N GLN B 171 10.33 5.57 -12.42
CA GLN B 171 11.10 4.93 -13.48
C GLN B 171 11.79 6.05 -14.29
N SER B 172 12.90 5.71 -14.88
CA SER B 172 13.64 6.53 -15.83
C SER B 172 12.83 7.28 -16.85
N ASN B 173 11.54 7.05 -16.95
CA ASN B 173 10.70 7.78 -17.91
C ASN B 173 9.55 8.46 -17.16
N ASN B 174 9.76 8.51 -15.86
CA ASN B 174 8.90 9.21 -14.91
C ASN B 174 7.54 8.51 -14.81
N LYS B 175 7.58 7.19 -14.79
CA LYS B 175 6.35 6.39 -14.72
C LYS B 175 6.48 5.52 -13.44
N TYR B 176 5.33 4.96 -13.14
CA TYR B 176 5.25 4.07 -11.98
C TYR B 176 5.02 2.62 -12.41
N ALA B 177 5.68 1.83 -11.57
CA ALA B 177 5.78 0.37 -11.75
C ALA B 177 5.50 -0.25 -10.38
N ALA B 178 4.43 -1.03 -10.41
CA ALA B 178 4.00 -1.83 -9.27
C ALA B 178 4.06 -3.30 -9.72
N SER B 179 3.94 -4.15 -8.72
CA SER B 179 4.05 -5.60 -8.91
C SER B 179 3.24 -6.25 -7.80
N SER B 180 2.29 -7.07 -8.22
CA SER B 180 1.56 -7.90 -7.22
C SER B 180 2.02 -9.35 -7.44
N TYR B 181 1.98 -10.09 -6.35
CA TYR B 181 2.34 -11.54 -6.45
C TYR B 181 1.30 -12.39 -5.74
N LEU B 182 1.35 -13.68 -6.10
CA LEU B 182 0.56 -14.73 -5.43
C LEU B 182 1.43 -16.00 -5.33
N SER B 183 1.60 -16.46 -4.11
CA SER B 183 2.35 -17.70 -3.84
C SER B 183 1.40 -18.79 -3.36
N LEU B 184 1.54 -19.98 -3.96
CA LEU B 184 0.80 -21.17 -3.69
C LEU B 184 1.62 -22.47 -3.85
N THR B 185 0.85 -23.55 -3.64
CA THR B 185 1.22 -24.90 -4.04
C THR B 185 0.68 -25.17 -5.46
N PRO B 186 1.50 -25.90 -6.20
CA PRO B 186 1.12 -26.49 -7.48
C PRO B 186 -0.22 -27.19 -7.47
N GLU B 187 -0.68 -27.63 -6.31
CA GLU B 187 -1.94 -28.35 -6.11
C GLU B 187 -3.14 -27.43 -6.23
N GLN B 188 -3.02 -26.29 -5.55
CA GLN B 188 -3.96 -25.18 -5.62
C GLN B 188 -3.92 -24.57 -7.03
N TRP B 189 -2.72 -24.46 -7.56
CA TRP B 189 -2.51 -24.05 -8.98
C TRP B 189 -3.28 -24.96 -9.93
N LYS B 190 -3.09 -26.25 -9.77
CA LYS B 190 -3.66 -27.31 -10.57
C LYS B 190 -5.18 -27.46 -10.49
N SER B 191 -5.77 -27.13 -9.37
CA SER B 191 -7.20 -27.35 -9.14
C SER B 191 -8.17 -26.45 -9.83
N HIS B 192 -7.75 -25.48 -10.61
CA HIS B 192 -8.62 -24.42 -11.17
C HIS B 192 -8.52 -24.34 -12.69
N ARG B 193 -9.02 -23.26 -13.27
CA ARG B 193 -8.92 -23.01 -14.71
C ARG B 193 -8.36 -21.64 -15.09
N SER B 194 -8.50 -20.66 -14.24
CA SER B 194 -8.19 -19.27 -14.57
C SER B 194 -7.91 -18.49 -13.27
N TYR B 195 -6.73 -17.94 -13.28
CA TYR B 195 -6.20 -17.04 -12.24
C TYR B 195 -6.07 -15.68 -12.93
N SER B 196 -6.76 -14.70 -12.37
CA SER B 196 -6.76 -13.33 -12.88
C SER B 196 -6.04 -12.40 -11.88
N CYS B 197 -5.56 -11.31 -12.45
CA CYS B 197 -4.95 -10.20 -11.75
C CYS B 197 -5.55 -8.90 -12.34
N GLN B 198 -6.42 -8.31 -11.57
CA GLN B 198 -7.20 -7.14 -12.08
C GLN B 198 -6.80 -5.88 -11.34
N VAL B 199 -6.28 -4.91 -12.10
CA VAL B 199 -5.85 -3.62 -11.60
C VAL B 199 -6.67 -2.44 -12.15
N THR B 200 -6.80 -1.44 -11.28
CA THR B 200 -7.57 -0.23 -11.55
C THR B 200 -6.80 1.06 -11.37
N HIS B 201 -7.12 2.01 -12.24
CA HIS B 201 -6.45 3.30 -12.37
C HIS B 201 -7.40 4.34 -12.98
N GLU B 202 -7.86 5.20 -12.07
CA GLU B 202 -8.95 6.16 -12.39
C GLU B 202 -10.10 5.27 -12.88
N GLY B 203 -10.72 5.61 -13.98
CA GLY B 203 -11.93 4.84 -14.42
C GLY B 203 -11.47 3.87 -15.52
N SER B 204 -10.46 3.09 -15.10
CA SER B 204 -9.80 2.20 -16.10
C SER B 204 -9.38 0.95 -15.32
N THR B 205 -9.97 -0.12 -15.79
CA THR B 205 -9.70 -1.45 -15.25
C THR B 205 -9.09 -2.31 -16.37
N VAL B 206 -8.24 -3.19 -15.88
CA VAL B 206 -7.70 -4.29 -16.69
C VAL B 206 -7.67 -5.53 -15.79
N GLU B 207 -8.28 -6.57 -16.34
CA GLU B 207 -8.16 -7.93 -15.79
C GLU B 207 -7.21 -8.71 -16.72
N LYS B 208 -6.20 -9.32 -16.11
CA LYS B 208 -5.33 -10.23 -16.88
C LYS B 208 -5.54 -11.66 -16.41
N THR B 209 -5.90 -12.52 -17.36
CA THR B 209 -6.23 -13.91 -17.14
C THR B 209 -5.13 -14.86 -17.62
N VAL B 210 -4.91 -15.84 -16.76
CA VAL B 210 -3.88 -16.88 -16.94
C VAL B 210 -4.53 -18.19 -16.50
N ALA B 211 -3.99 -19.26 -17.06
CA ALA B 211 -4.58 -20.60 -16.95
C ALA B 211 -3.48 -21.61 -16.71
N PRO B 212 -3.83 -22.66 -16.00
CA PRO B 212 -2.88 -23.70 -15.59
C PRO B 212 -2.51 -24.61 -16.76
N THR B 213 -1.32 -25.18 -16.62
CA THR B 213 -0.62 -25.95 -17.65
C THR B 213 0.50 -26.75 -16.98
N GLU B 214 1.30 -27.34 -17.81
CA GLU B 214 2.38 -28.28 -17.53
C GLU B 214 3.63 -27.95 -18.34
N CYS B 215 3.43 -27.45 -19.55
CA CYS B 215 4.49 -26.79 -20.37
C CYS B 215 5.26 -27.94 -21.06
N SER B 216 5.56 -28.87 -20.19
CA SER B 216 5.76 -30.29 -20.58
C SER B 216 4.32 -30.79 -20.30
N PRO C 3 -14.67 10.58 15.37
CA PRO C 3 -13.37 11.10 14.87
C PRO C 3 -12.13 10.95 15.64
#